data_4AQB
#
_entry.id   4AQB
#
_cell.length_a   94.150
_cell.length_b   94.150
_cell.length_c   242.570
_cell.angle_alpha   90.00
_cell.angle_beta   90.00
_cell.angle_gamma   90.00
#
_symmetry.space_group_name_H-M   'P 43 2 2'
#
loop_
_entity.id
_entity.type
_entity.pdbx_description
1 polymer 'MANNAN-BINDING LECTIN SERINE PROTEASE 1'
2 branched alpha-D-mannopyranose-(1-3)-[alpha-D-mannopyranose-(1-6)]beta-D-mannopyranose-(1-4)-2-acetamido-2-deoxy-beta-D-glucopyranose-(1-4)-2-acetamido-2-deoxy-beta-D-glucopyranose
3 branched alpha-D-mannopyranose-(1-3)-beta-D-mannopyranose-(1-4)-2-acetamido-2-deoxy-beta-D-glucopyranose-(1-4)-2-acetamido-2-deoxy-beta-D-glucopyranose
4 non-polymer 'CALCIUM ION'
5 water water
#
_entity_poly.entity_id   1
_entity_poly.type   'polypeptide(L)'
_entity_poly.pdbx_seq_one_letter_code
;HTVELNNMFGQIQSPGYPDSYPSDSEVTWNITVPDGFRIKLYFMHFNLESSYLCEYDYVKVETEDQVLATFCGRETTDTE
QTPGQEVVLSPGSFMSITFRSDFSNEERFTGFDAHYMAVDVDECKEREDEELSCDHYCHNYIGGYYCSCRFGYILHTDNR
TCRVECSDNLFTQRTGVITSPDFPNPYPKSSECLYTIELEEGFMVNLQFEDIFDIEDHPEVPCPYDYIKIKVGPKVLGPF
CGEKAPEPISTQSHSVLILFHSDNSGENRGWRLSYRAAGNECPELQPPVHGKIEPSQAKYFFKDQVLVSCDTGYKVLKDN
VEMDTFQIECLKDGTWSNKIPTCKKNEIDLESELKSEQVTE
;
_entity_poly.pdbx_strand_id   A
#
loop_
_chem_comp.id
_chem_comp.type
_chem_comp.name
_chem_comp.formula
BMA D-saccharide, beta linking beta-D-mannopyranose 'C6 H12 O6'
CA non-polymer 'CALCIUM ION' 'Ca 2'
MAN D-saccharide, alpha linking alpha-D-mannopyranose 'C6 H12 O6'
NAG D-saccharide, beta linking 2-acetamido-2-deoxy-beta-D-glucopyranose 'C8 H15 N O6'
#
# COMPACT_ATOMS: atom_id res chain seq x y z
N VAL A 3 -45.58 -15.52 -7.06
CA VAL A 3 -45.56 -14.12 -7.46
C VAL A 3 -44.11 -13.61 -7.43
N GLU A 4 -43.50 -13.36 -8.61
CA GLU A 4 -42.11 -12.86 -8.68
C GLU A 4 -42.08 -11.35 -8.97
N LEU A 5 -41.22 -10.59 -8.21
CA LEU A 5 -41.09 -9.11 -8.33
C LEU A 5 -39.64 -8.55 -8.20
N ASN A 6 -39.05 -8.03 -9.31
CA ASN A 6 -37.73 -7.40 -9.28
C ASN A 6 -37.86 -5.93 -9.72
N ASN A 7 -37.55 -4.97 -8.81
CA ASN A 7 -37.66 -3.52 -9.02
C ASN A 7 -37.09 -2.77 -7.81
N MET A 8 -37.35 -1.43 -7.68
CA MET A 8 -36.81 -0.48 -6.67
C MET A 8 -37.75 -0.13 -5.50
N PHE A 9 -39.05 -0.40 -5.67
CA PHE A 9 -40.10 -0.11 -4.69
C PHE A 9 -41.34 -0.94 -4.97
N GLY A 10 -42.30 -0.95 -4.04
CA GLY A 10 -43.54 -1.68 -4.25
C GLY A 10 -44.42 -1.77 -3.02
N GLN A 11 -45.66 -2.21 -3.24
CA GLN A 11 -46.67 -2.40 -2.20
C GLN A 11 -47.14 -3.85 -2.25
N ILE A 12 -47.39 -4.42 -1.07
CA ILE A 12 -47.88 -5.79 -0.94
C ILE A 12 -49.03 -5.79 0.03
N GLN A 13 -50.11 -6.50 -0.32
CA GLN A 13 -51.29 -6.64 0.52
C GLN A 13 -51.64 -8.11 0.62
N SER A 14 -52.39 -8.47 1.67
CA SER A 14 -52.89 -9.83 1.86
C SER A 14 -54.05 -10.03 0.88
N PRO A 15 -54.32 -11.28 0.44
CA PRO A 15 -55.44 -11.54 -0.47
C PRO A 15 -56.75 -11.02 0.14
N GLY A 16 -57.52 -10.25 -0.63
CA GLY A 16 -58.80 -9.71 -0.17
C GLY A 16 -58.74 -8.30 0.42
N TYR A 17 -57.54 -7.82 0.83
CA TYR A 17 -57.35 -6.49 1.43
C TYR A 17 -58.10 -5.41 0.63
N PRO A 18 -58.83 -4.47 1.30
CA PRO A 18 -58.98 -4.27 2.74
C PRO A 18 -59.99 -5.17 3.45
N ASP A 19 -60.59 -6.13 2.71
CA ASP A 19 -61.55 -7.07 3.29
C ASP A 19 -60.80 -8.22 3.95
N SER A 20 -61.51 -9.01 4.78
CA SER A 20 -60.93 -10.16 5.48
C SER A 20 -60.33 -11.15 4.50
N TYR A 21 -59.16 -11.72 4.83
CA TYR A 21 -58.48 -12.68 3.96
C TYR A 21 -59.16 -14.04 3.93
N PRO A 22 -59.05 -14.79 2.80
CA PRO A 22 -59.66 -16.11 2.72
C PRO A 22 -58.85 -17.14 3.52
N SER A 23 -59.49 -18.27 3.87
CA SER A 23 -58.83 -19.36 4.59
C SER A 23 -58.08 -20.25 3.59
N ASP A 24 -57.15 -21.08 4.08
CA ASP A 24 -56.34 -22.00 3.27
C ASP A 24 -55.66 -21.30 2.08
N SER A 25 -55.01 -20.16 2.34
CA SER A 25 -54.30 -19.41 1.31
C SER A 25 -52.83 -19.26 1.66
N GLU A 26 -51.96 -19.33 0.66
CA GLU A 26 -50.52 -19.20 0.83
C GLU A 26 -49.92 -18.48 -0.37
N VAL A 27 -49.40 -17.28 -0.14
CA VAL A 27 -48.82 -16.45 -1.19
C VAL A 27 -47.39 -16.06 -0.82
N THR A 28 -46.46 -16.20 -1.77
CA THR A 28 -45.06 -15.82 -1.60
C THR A 28 -44.69 -14.70 -2.56
N TRP A 29 -44.02 -13.67 -2.06
CA TRP A 29 -43.50 -12.57 -2.86
C TRP A 29 -41.99 -12.56 -2.75
N ASN A 30 -41.30 -12.68 -3.89
CA ASN A 30 -39.85 -12.64 -3.93
C ASN A 30 -39.42 -11.28 -4.42
N ILE A 31 -38.62 -10.59 -3.59
CA ILE A 31 -38.12 -9.26 -3.91
C ILE A 31 -36.63 -9.30 -4.16
N THR A 32 -36.22 -8.95 -5.39
CA THR A 32 -34.81 -8.87 -5.76
C THR A 32 -34.48 -7.46 -6.22
N VAL A 33 -33.40 -6.91 -5.69
CA VAL A 33 -32.89 -5.60 -6.08
C VAL A 33 -31.50 -5.77 -6.68
N PRO A 34 -30.98 -4.77 -7.44
CA PRO A 34 -29.62 -4.86 -8.01
C PRO A 34 -28.55 -4.90 -6.92
N ASP A 35 -27.33 -5.27 -7.31
CA ASP A 35 -26.19 -5.32 -6.41
C ASP A 35 -25.88 -3.92 -5.90
N GLY A 36 -25.50 -3.83 -4.62
CA GLY A 36 -25.21 -2.54 -3.97
C GLY A 36 -26.43 -1.98 -3.27
N PHE A 37 -27.53 -2.75 -3.24
CA PHE A 37 -28.76 -2.35 -2.57
C PHE A 37 -29.26 -3.39 -1.60
N ARG A 38 -30.03 -2.95 -0.60
CA ARG A 38 -30.68 -3.79 0.39
C ARG A 38 -32.19 -3.53 0.30
N ILE A 39 -32.99 -4.31 1.04
CA ILE A 39 -34.45 -4.16 1.04
C ILE A 39 -34.92 -3.63 2.38
N LYS A 40 -35.78 -2.59 2.35
CA LYS A 40 -36.40 -2.01 3.53
C LYS A 40 -37.88 -2.34 3.48
N LEU A 41 -38.42 -2.97 4.53
CA LEU A 41 -39.83 -3.37 4.59
C LEU A 41 -40.52 -2.88 5.86
N TYR A 42 -41.72 -2.32 5.70
CA TYR A 42 -42.54 -1.84 6.83
C TYR A 42 -44.03 -2.03 6.57
N PHE A 43 -44.85 -1.96 7.62
CA PHE A 43 -46.29 -2.20 7.53
C PHE A 43 -47.11 -1.00 7.98
N MET A 44 -48.23 -0.75 7.27
CA MET A 44 -49.15 0.34 7.58
C MET A 44 -50.40 -0.17 8.27
N HIS A 45 -50.70 -1.48 8.09
CA HIS A 45 -51.84 -2.17 8.69
C HIS A 45 -51.47 -3.64 8.89
N PHE A 46 -51.80 -4.19 10.06
CA PHE A 46 -51.52 -5.58 10.38
C PHE A 46 -52.58 -6.15 11.32
N ASN A 47 -53.39 -7.08 10.79
CA ASN A 47 -54.50 -7.69 11.51
C ASN A 47 -54.59 -9.18 11.20
N LEU A 48 -53.91 -10.00 12.03
CA LEU A 48 -53.88 -11.44 11.84
C LEU A 48 -54.29 -12.21 13.10
N GLU A 49 -54.51 -13.52 12.95
CA GLU A 49 -54.82 -14.41 14.06
C GLU A 49 -53.52 -14.61 14.84
N SER A 50 -53.59 -14.65 16.18
CA SER A 50 -52.41 -14.85 17.01
C SER A 50 -52.26 -16.33 17.36
N SER A 51 -51.01 -16.83 17.37
CA SER A 51 -50.69 -18.22 17.71
C SER A 51 -49.24 -18.42 18.14
N TYR A 52 -48.99 -19.50 18.90
CA TYR A 52 -47.66 -19.88 19.40
C TYR A 52 -46.68 -19.99 18.23
N LEU A 53 -45.62 -19.18 18.27
CA LEU A 53 -44.58 -19.12 17.24
C LEU A 53 -45.17 -18.80 15.86
N CYS A 54 -46.37 -18.17 15.83
CA CYS A 54 -47.14 -17.82 14.65
C CYS A 54 -47.32 -19.06 13.76
N GLU A 55 -47.74 -20.17 14.37
CA GLU A 55 -47.91 -21.46 13.68
C GLU A 55 -49.14 -21.54 12.77
N TYR A 56 -50.22 -20.83 13.12
CA TYR A 56 -51.45 -20.86 12.34
C TYR A 56 -51.39 -19.87 11.18
N ASP A 57 -51.74 -18.60 11.40
CA ASP A 57 -51.66 -17.56 10.38
C ASP A 57 -50.40 -16.76 10.61
N TYR A 58 -49.68 -16.40 9.52
CA TYR A 58 -48.42 -15.67 9.66
C TYR A 58 -47.95 -14.94 8.42
N VAL A 59 -47.02 -13.99 8.64
CA VAL A 59 -46.28 -13.26 7.60
C VAL A 59 -44.81 -13.57 7.92
N LYS A 60 -44.17 -14.38 7.07
CA LYS A 60 -42.79 -14.80 7.24
C LYS A 60 -41.87 -14.01 6.30
N VAL A 61 -40.85 -13.34 6.87
CA VAL A 61 -39.87 -12.55 6.12
C VAL A 61 -38.52 -13.25 6.21
N GLU A 62 -37.95 -13.64 5.07
CA GLU A 62 -36.68 -14.37 5.05
C GLU A 62 -35.82 -14.11 3.82
N THR A 63 -34.58 -14.63 3.86
CA THR A 63 -33.65 -14.60 2.73
C THR A 63 -33.57 -16.04 2.22
N GLU A 64 -32.59 -16.34 1.36
CA GLU A 64 -32.37 -17.66 0.78
C GLU A 64 -31.80 -18.67 1.79
N ASP A 65 -31.32 -18.20 2.96
CA ASP A 65 -30.69 -19.07 3.96
C ASP A 65 -30.93 -18.59 5.40
N GLN A 66 -31.76 -17.55 5.59
CA GLN A 66 -31.96 -16.96 6.91
C GLN A 66 -33.36 -16.38 7.09
N VAL A 67 -34.04 -16.75 8.20
CA VAL A 67 -35.36 -16.22 8.52
C VAL A 67 -35.14 -14.92 9.29
N LEU A 68 -35.61 -13.81 8.72
CA LEU A 68 -35.44 -12.49 9.32
C LEU A 68 -36.47 -12.20 10.40
N ALA A 69 -37.76 -12.49 10.13
CA ALA A 69 -38.86 -12.24 11.06
C ALA A 69 -40.11 -13.05 10.71
N THR A 70 -40.96 -13.28 11.74
CA THR A 70 -42.26 -13.96 11.61
C THR A 70 -43.26 -13.14 12.41
N PHE A 71 -44.35 -12.72 11.76
CA PHE A 71 -45.37 -11.90 12.40
C PHE A 71 -46.75 -12.51 12.38
N CYS A 72 -47.54 -12.22 13.42
CA CYS A 72 -48.94 -12.60 13.59
C CYS A 72 -49.59 -11.75 14.67
N GLY A 73 -50.91 -11.88 14.87
CA GLY A 73 -51.64 -11.11 15.87
C GLY A 73 -52.18 -9.80 15.30
N ARG A 74 -52.89 -9.03 16.14
CA ARG A 74 -53.47 -7.75 15.76
C ARG A 74 -52.76 -6.58 16.43
N GLU A 75 -52.44 -5.54 15.65
CA GLU A 75 -51.75 -4.33 16.15
C GLU A 75 -52.46 -3.65 17.31
N THR A 76 -53.81 -3.80 17.39
CA THR A 76 -54.67 -3.25 18.44
C THR A 76 -54.19 -3.80 19.79
N THR A 77 -54.33 -5.12 20.00
CA THR A 77 -53.89 -5.80 21.22
C THR A 77 -52.37 -5.71 21.30
N ASP A 78 -51.84 -5.37 22.49
CA ASP A 78 -50.40 -5.26 22.69
C ASP A 78 -49.83 -6.43 23.48
N THR A 79 -48.49 -6.55 23.50
CA THR A 79 -47.70 -7.67 24.05
C THR A 79 -47.94 -8.77 22.99
N GLU A 80 -47.73 -8.37 21.73
CA GLU A 80 -47.98 -9.20 20.55
C GLU A 80 -46.77 -9.35 19.63
N GLN A 81 -46.92 -10.20 18.61
CA GLN A 81 -45.89 -10.54 17.63
C GLN A 81 -46.08 -9.77 16.32
N THR A 82 -46.73 -8.60 16.42
CA THR A 82 -46.99 -7.73 15.27
C THR A 82 -45.72 -6.93 14.91
N PRO A 83 -45.61 -6.45 13.65
CA PRO A 83 -44.44 -5.68 13.23
C PRO A 83 -44.38 -4.28 13.83
N GLY A 84 -45.55 -3.66 14.05
CA GLY A 84 -45.66 -2.30 14.60
C GLY A 84 -45.04 -1.30 13.64
N GLN A 85 -44.24 -0.36 14.18
CA GLN A 85 -43.56 0.66 13.40
C GLN A 85 -42.15 0.21 12.98
N GLU A 86 -41.79 -1.04 13.30
CA GLU A 86 -40.49 -1.61 13.00
C GLU A 86 -40.23 -1.88 11.53
N VAL A 87 -39.02 -1.49 11.08
CA VAL A 87 -38.56 -1.69 9.71
C VAL A 87 -37.75 -2.99 9.66
N VAL A 88 -38.03 -3.82 8.65
CA VAL A 88 -37.29 -5.06 8.44
C VAL A 88 -36.30 -4.81 7.31
N LEU A 89 -35.00 -4.89 7.62
CA LEU A 89 -33.94 -4.67 6.65
C LEU A 89 -33.27 -5.99 6.28
N SER A 90 -33.19 -6.28 4.96
CA SER A 90 -32.54 -7.49 4.48
C SER A 90 -31.02 -7.30 4.52
N PRO A 91 -30.23 -8.36 4.81
CA PRO A 91 -28.77 -8.23 4.86
C PRO A 91 -28.18 -8.02 3.47
N GLY A 92 -28.81 -8.61 2.43
CA GLY A 92 -28.38 -8.52 1.05
C GLY A 92 -29.44 -7.93 0.12
N SER A 93 -29.36 -8.30 -1.18
CA SER A 93 -30.25 -7.81 -2.22
C SER A 93 -31.47 -8.70 -2.50
N PHE A 94 -31.83 -9.58 -1.55
CA PHE A 94 -32.98 -10.48 -1.69
C PHE A 94 -33.83 -10.59 -0.44
N MET A 95 -35.17 -10.63 -0.63
CA MET A 95 -36.14 -10.78 0.45
C MET A 95 -37.34 -11.58 -0.03
N SER A 96 -37.71 -12.64 0.71
CA SER A 96 -38.88 -13.45 0.42
C SER A 96 -39.91 -13.28 1.52
N ILE A 97 -41.17 -13.05 1.12
CA ILE A 97 -42.29 -12.84 2.04
C ILE A 97 -43.38 -13.87 1.78
N THR A 98 -43.81 -14.60 2.82
CA THR A 98 -44.89 -15.56 2.72
C THR A 98 -46.02 -15.24 3.67
N PHE A 99 -47.25 -15.10 3.14
CA PHE A 99 -48.44 -14.93 3.96
C PHE A 99 -49.17 -16.27 3.93
N ARG A 100 -49.41 -16.85 5.10
CA ARG A 100 -50.15 -18.10 5.19
C ARG A 100 -51.37 -17.95 6.07
N SER A 101 -52.48 -18.53 5.61
CA SER A 101 -53.76 -18.56 6.31
C SER A 101 -54.17 -20.03 6.39
N ASP A 102 -54.40 -20.55 7.61
CA ASP A 102 -54.80 -21.95 7.76
C ASP A 102 -56.27 -22.17 7.40
N PHE A 103 -56.81 -23.34 7.75
CA PHE A 103 -58.20 -23.70 7.47
C PHE A 103 -59.21 -23.02 8.39
N SER A 104 -58.75 -22.55 9.56
CA SER A 104 -59.61 -21.93 10.57
C SER A 104 -59.65 -20.40 10.56
N ASN A 105 -60.62 -19.82 9.83
CA ASN A 105 -60.80 -18.37 9.81
C ASN A 105 -62.17 -17.97 10.36
N GLU A 106 -62.45 -18.41 11.61
CA GLU A 106 -63.69 -18.11 12.33
C GLU A 106 -63.84 -16.59 12.44
N GLU A 107 -62.88 -15.95 13.12
CA GLU A 107 -62.81 -14.49 13.23
C GLU A 107 -62.37 -13.95 11.89
N ARG A 108 -62.85 -12.75 11.52
CA ARG A 108 -62.55 -12.15 10.23
C ARG A 108 -61.45 -11.09 10.29
N PHE A 109 -60.20 -11.56 10.19
CA PHE A 109 -59.02 -10.70 10.22
C PHE A 109 -58.78 -10.07 8.85
N THR A 110 -58.54 -8.75 8.83
CA THR A 110 -58.36 -7.96 7.61
C THR A 110 -56.99 -8.03 6.92
N GLY A 111 -56.06 -8.79 7.50
CA GLY A 111 -54.73 -8.99 6.91
C GLY A 111 -53.75 -7.85 7.11
N PHE A 112 -52.95 -7.57 6.07
CA PHE A 112 -51.90 -6.58 6.15
C PHE A 112 -51.72 -5.72 4.90
N ASP A 113 -50.99 -4.61 5.07
CA ASP A 113 -50.60 -3.69 4.01
C ASP A 113 -49.12 -3.36 4.23
N ALA A 114 -48.26 -3.78 3.29
CA ALA A 114 -46.82 -3.59 3.40
C ALA A 114 -46.21 -2.81 2.26
N HIS A 115 -45.10 -2.11 2.54
CA HIS A 115 -44.38 -1.29 1.58
C HIS A 115 -42.88 -1.59 1.66
N TYR A 116 -42.23 -1.70 0.50
CA TYR A 116 -40.79 -1.96 0.42
C TYR A 116 -40.11 -1.05 -0.57
N MET A 117 -38.78 -0.92 -0.45
CA MET A 117 -37.95 -0.15 -1.37
C MET A 117 -36.49 -0.57 -1.29
N ALA A 118 -35.75 -0.30 -2.37
CA ALA A 118 -34.32 -0.56 -2.42
C ALA A 118 -33.63 0.55 -1.61
N VAL A 119 -32.62 0.18 -0.81
CA VAL A 119 -31.84 1.11 0.00
C VAL A 119 -30.39 0.92 -0.36
N ASP A 120 -29.69 2.03 -0.68
CA ASP A 120 -28.29 1.97 -1.04
C ASP A 120 -27.42 1.50 0.12
N VAL A 121 -26.48 0.60 -0.19
CA VAL A 121 -25.50 0.10 0.76
C VAL A 121 -24.37 1.13 0.77
N ASP A 122 -23.94 1.56 1.96
CA ASP A 122 -22.80 2.45 2.04
C ASP A 122 -21.60 1.56 2.30
N GLU A 123 -20.94 1.12 1.22
CA GLU A 123 -19.77 0.24 1.31
C GLU A 123 -18.63 0.84 2.12
N CYS A 124 -18.53 2.18 2.21
CA CYS A 124 -17.50 2.87 2.98
C CYS A 124 -17.49 2.69 4.54
N LYS A 125 -18.67 2.47 5.25
CA LYS A 125 -18.86 2.35 6.74
C LYS A 125 -18.90 0.89 7.30
N GLU A 126 -18.79 -0.09 6.39
CA GLU A 126 -18.82 -1.53 6.61
C GLU A 126 -17.49 -2.18 6.17
N ARG A 127 -16.84 -1.59 5.14
CA ARG A 127 -15.58 -2.01 4.53
C ARG A 127 -14.42 -2.25 5.51
N GLU A 128 -14.37 -1.47 6.60
CA GLU A 128 -13.35 -1.56 7.65
C GLU A 128 -13.51 -2.81 8.53
N ASP A 129 -14.67 -3.48 8.43
CA ASP A 129 -14.99 -4.73 9.12
C ASP A 129 -14.82 -5.91 8.13
N GLU A 130 -14.37 -5.59 6.87
CA GLU A 130 -14.12 -6.51 5.76
C GLU A 130 -12.63 -6.80 5.44
N GLU A 131 -12.14 -6.57 4.17
CA GLU A 131 -10.77 -6.97 3.83
C GLU A 131 -9.73 -5.93 3.26
N LEU A 132 -9.45 -5.68 1.94
CA LEU A 132 -10.07 -5.66 0.60
C LEU A 132 -10.91 -4.41 0.43
N SER A 133 -10.42 -3.34 1.07
CA SER A 133 -11.03 -2.03 1.13
C SER A 133 -10.11 -0.98 0.50
N CYS A 134 -10.65 0.24 0.23
CA CYS A 134 -9.90 1.36 -0.36
C CYS A 134 -8.65 1.67 0.43
N ASP A 135 -7.51 1.77 -0.26
CA ASP A 135 -6.22 2.07 0.36
C ASP A 135 -6.24 3.46 1.00
N HIS A 136 -6.68 4.48 0.25
CA HIS A 136 -6.74 5.85 0.74
C HIS A 136 -8.17 6.33 0.98
N TYR A 137 -8.83 6.85 -0.08
CA TYR A 137 -10.17 7.40 0.02
C TYR A 137 -11.24 6.47 -0.53
N CYS A 138 -12.38 6.43 0.16
CA CYS A 138 -13.55 5.67 -0.24
C CYS A 138 -14.67 6.63 -0.57
N HIS A 139 -15.34 6.42 -1.71
CA HIS A 139 -16.45 7.28 -2.12
C HIS A 139 -17.69 6.45 -2.35
N ASN A 140 -18.76 6.73 -1.60
CA ASN A 140 -20.02 6.00 -1.76
C ASN A 140 -20.95 6.72 -2.71
N TYR A 141 -21.71 5.95 -3.50
CA TYR A 141 -22.75 6.45 -4.39
C TYR A 141 -23.92 5.47 -4.45
N ILE A 142 -25.02 5.87 -5.08
CA ILE A 142 -26.20 5.02 -5.21
C ILE A 142 -25.95 3.85 -6.17
N GLY A 143 -25.87 2.63 -5.62
CA GLY A 143 -25.66 1.42 -6.43
C GLY A 143 -24.24 0.88 -6.43
N GLY A 144 -23.29 1.64 -5.87
CA GLY A 144 -21.91 1.18 -5.82
C GLY A 144 -21.01 2.09 -5.01
N TYR A 145 -19.71 2.01 -5.28
CA TYR A 145 -18.67 2.80 -4.63
C TYR A 145 -17.41 2.74 -5.48
N TYR A 146 -16.43 3.58 -5.14
CA TYR A 146 -15.11 3.61 -5.78
C TYR A 146 -14.07 4.19 -4.84
N CYS A 147 -12.80 3.94 -5.17
CA CYS A 147 -11.65 4.42 -4.43
C CYS A 147 -10.96 5.52 -5.22
N SER A 148 -10.24 6.39 -4.50
CA SER A 148 -9.40 7.44 -5.07
C SER A 148 -8.16 7.57 -4.18
N CYS A 149 -7.14 8.29 -4.65
CA CYS A 149 -5.88 8.40 -3.93
C CYS A 149 -5.50 9.80 -3.50
N ARG A 150 -4.57 9.89 -2.53
CA ARG A 150 -4.02 11.15 -2.05
C ARG A 150 -3.20 11.77 -3.16
N PHE A 151 -3.07 13.11 -3.15
CA PHE A 151 -2.29 13.85 -4.14
C PHE A 151 -0.86 13.31 -4.18
N GLY A 152 -0.39 12.98 -5.39
CA GLY A 152 0.96 12.42 -5.59
C GLY A 152 0.94 10.89 -5.72
N TYR A 153 -0.24 10.27 -5.57
CA TYR A 153 -0.41 8.81 -5.70
C TYR A 153 -1.21 8.47 -6.95
N ILE A 154 -1.06 7.23 -7.43
CA ILE A 154 -1.76 6.73 -8.61
C ILE A 154 -2.59 5.50 -8.25
N LEU A 155 -3.88 5.51 -8.63
CA LEU A 155 -4.76 4.36 -8.39
C LEU A 155 -4.32 3.20 -9.27
N HIS A 156 -4.03 2.06 -8.64
CA HIS A 156 -3.55 0.85 -9.29
C HIS A 156 -4.62 0.17 -10.16
N THR A 157 -4.20 -0.82 -10.99
CA THR A 157 -5.08 -1.59 -11.87
C THR A 157 -6.15 -2.39 -11.14
N ASP A 158 -6.03 -2.53 -9.81
CA ASP A 158 -7.01 -3.22 -8.97
C ASP A 158 -8.15 -2.27 -8.57
N ASN A 159 -8.03 -0.98 -8.95
CA ASN A 159 -8.97 0.12 -8.66
C ASN A 159 -9.15 0.32 -7.15
N ARG A 160 -8.13 -0.06 -6.36
CA ARG A 160 -8.22 -0.03 -4.91
C ARG A 160 -6.97 0.53 -4.21
N THR A 161 -5.79 0.01 -4.55
CA THR A 161 -4.53 0.43 -3.95
C THR A 161 -3.92 1.64 -4.63
N CYS A 162 -3.11 2.40 -3.87
CA CYS A 162 -2.48 3.64 -4.32
C CYS A 162 -0.96 3.53 -4.41
N ARG A 163 -0.43 3.45 -5.64
CA ARG A 163 1.00 3.35 -5.89
C ARG A 163 1.61 4.71 -6.18
N VAL A 164 2.93 4.76 -6.36
CA VAL A 164 3.68 5.98 -6.67
C VAL A 164 4.67 5.72 -7.80
N GLU A 165 5.17 6.81 -8.39
CA GLU A 165 6.27 6.74 -9.34
C GLU A 165 7.48 7.04 -8.48
N CYS A 166 8.39 6.05 -8.35
CA CYS A 166 9.55 6.15 -7.47
C CYS A 166 10.84 5.71 -8.17
N SER A 167 10.92 5.94 -9.49
CA SER A 167 12.09 5.55 -10.29
C SER A 167 12.80 6.71 -10.96
N ASP A 168 12.22 7.93 -10.89
CA ASP A 168 12.79 9.15 -11.47
C ASP A 168 13.87 9.71 -10.55
N ASN A 169 14.99 9.00 -10.47
CA ASN A 169 16.13 9.36 -9.64
C ASN A 169 17.45 8.92 -10.27
N LEU A 170 18.56 9.52 -9.79
CA LEU A 170 19.91 9.21 -10.21
C LEU A 170 20.87 9.83 -9.21
N PHE A 171 21.54 8.99 -8.44
CA PHE A 171 22.49 9.42 -7.42
C PHE A 171 23.89 9.39 -8.00
N THR A 172 24.50 10.57 -8.17
CA THR A 172 25.81 10.73 -8.78
C THR A 172 26.85 11.26 -7.79
N GLN A 173 26.41 11.77 -6.64
CA GLN A 173 27.28 12.31 -5.62
C GLN A 173 28.07 11.21 -4.91
N ARG A 174 29.26 11.54 -4.37
CA ARG A 174 30.15 10.61 -3.67
C ARG A 174 29.48 9.89 -2.50
N THR A 175 28.57 10.60 -1.82
CA THR A 175 27.80 10.08 -0.68
C THR A 175 26.33 10.41 -0.88
N GLY A 176 25.43 9.69 -0.20
CA GLY A 176 24.01 9.96 -0.31
C GLY A 176 23.15 9.05 0.56
N VAL A 177 21.86 9.40 0.66
CA VAL A 177 20.87 8.67 1.43
C VAL A 177 19.73 8.24 0.52
N ILE A 178 19.33 6.97 0.62
CA ILE A 178 18.24 6.40 -0.17
C ILE A 178 17.26 5.73 0.79
N THR A 179 15.95 5.98 0.60
CA THR A 179 14.91 5.42 1.44
C THR A 179 13.73 4.92 0.62
N SER A 180 12.86 4.12 1.26
CA SER A 180 11.59 3.68 0.69
C SER A 180 10.70 4.95 0.66
N PRO A 181 9.72 5.06 -0.27
CA PRO A 181 8.91 6.29 -0.32
C PRO A 181 8.17 6.58 0.99
N ASP A 182 8.25 7.85 1.43
CA ASP A 182 7.62 8.37 2.64
C ASP A 182 8.21 7.81 3.96
N PHE A 183 9.39 7.16 3.90
CA PHE A 183 10.06 6.61 5.08
C PHE A 183 10.17 7.68 6.20
N PRO A 184 9.90 7.32 7.48
CA PRO A 184 9.53 6.01 8.02
C PRO A 184 8.03 5.76 8.12
N ASN A 185 7.23 6.46 7.30
CA ASN A 185 5.78 6.22 7.28
C ASN A 185 5.54 4.99 6.38
N PRO A 186 4.36 4.31 6.49
CA PRO A 186 4.10 3.12 5.66
C PRO A 186 4.38 3.38 4.17
N TYR A 187 5.20 2.51 3.53
CA TYR A 187 5.53 2.66 2.12
C TYR A 187 4.33 2.37 1.21
N PRO A 188 4.21 3.05 0.04
CA PRO A 188 3.10 2.82 -0.88
C PRO A 188 3.04 1.39 -1.38
N LYS A 189 1.82 0.85 -1.45
CA LYS A 189 1.56 -0.51 -1.93
C LYS A 189 1.66 -0.52 -3.45
N SER A 190 1.73 -1.73 -4.04
CA SER A 190 1.72 -1.98 -5.49
C SER A 190 2.71 -1.12 -6.28
N SER A 191 3.88 -0.85 -5.70
CA SER A 191 4.90 -0.01 -6.32
C SER A 191 6.15 -0.78 -6.71
N GLU A 192 6.91 -0.24 -7.67
CA GLU A 192 8.13 -0.81 -8.21
C GLU A 192 9.15 0.32 -8.33
N CYS A 193 9.99 0.47 -7.29
CA CYS A 193 10.99 1.54 -7.21
C CYS A 193 12.35 1.12 -7.71
N LEU A 194 12.93 1.94 -8.60
CA LEU A 194 14.25 1.71 -9.15
C LEU A 194 15.15 2.87 -8.73
N TYR A 195 16.09 2.58 -7.81
CA TYR A 195 17.05 3.57 -7.32
C TYR A 195 18.39 3.29 -7.99
N THR A 196 18.92 4.29 -8.70
CA THR A 196 20.16 4.13 -9.45
C THR A 196 21.31 4.98 -8.92
N ILE A 197 22.41 4.31 -8.56
CA ILE A 197 23.64 4.98 -8.14
C ILE A 197 24.59 4.84 -9.32
N GLU A 198 25.04 5.98 -9.87
CA GLU A 198 25.95 6.01 -11.00
C GLU A 198 27.11 6.93 -10.71
N LEU A 199 28.27 6.34 -10.43
CA LEU A 199 29.47 7.11 -10.18
C LEU A 199 30.42 6.91 -11.34
N GLU A 200 31.46 7.73 -11.40
CA GLU A 200 32.48 7.66 -12.44
C GLU A 200 33.28 6.37 -12.30
N GLU A 201 33.85 5.91 -13.43
CA GLU A 201 34.69 4.72 -13.50
C GLU A 201 35.80 4.79 -12.46
N GLY A 202 35.95 3.73 -11.65
CA GLY A 202 36.98 3.69 -10.63
C GLY A 202 36.51 3.84 -9.20
N PHE A 203 35.26 4.27 -9.00
CA PHE A 203 34.68 4.41 -7.68
C PHE A 203 34.00 3.10 -7.28
N MET A 204 34.01 2.77 -6.00
CA MET A 204 33.37 1.54 -5.50
C MET A 204 32.37 1.90 -4.44
N VAL A 205 31.11 1.50 -4.64
CA VAL A 205 30.00 1.84 -3.75
C VAL A 205 29.89 0.94 -2.53
N ASN A 206 29.86 1.54 -1.34
CA ASN A 206 29.65 0.81 -0.11
C ASN A 206 28.25 1.18 0.41
N LEU A 207 27.44 0.17 0.73
CA LEU A 207 26.07 0.36 1.21
C LEU A 207 25.95 0.05 2.68
N GLN A 208 25.14 0.84 3.40
CA GLN A 208 24.94 0.68 4.83
C GLN A 208 23.53 1.07 5.26
N PHE A 209 22.74 0.09 5.73
CA PHE A 209 21.39 0.35 6.21
C PHE A 209 21.42 0.96 7.59
N GLU A 210 20.44 1.83 7.89
CA GLU A 210 20.34 2.52 9.17
C GLU A 210 18.88 2.78 9.58
N ASP A 211 18.68 3.05 10.89
CA ASP A 211 17.38 3.33 11.51
C ASP A 211 16.42 2.15 11.34
N ILE A 212 15.10 2.42 11.24
CA ILE A 212 14.06 1.41 11.09
C ILE A 212 14.22 0.62 9.79
N PHE A 213 14.09 -0.72 9.90
CA PHE A 213 14.07 -1.64 8.78
C PHE A 213 12.83 -2.51 8.99
N ASP A 214 11.82 -2.30 8.14
CA ASP A 214 10.55 -3.00 8.25
C ASP A 214 9.93 -3.28 6.88
N ILE A 215 10.20 -4.48 6.36
CA ILE A 215 9.68 -4.96 5.09
C ILE A 215 8.90 -6.23 5.38
N GLU A 216 7.65 -6.31 4.91
CA GLU A 216 6.78 -7.47 5.10
C GLU A 216 7.50 -8.76 4.68
N ASP A 217 7.45 -9.78 5.54
CA ASP A 217 8.09 -11.06 5.27
C ASP A 217 7.20 -12.24 5.64
N HIS A 218 7.72 -13.46 5.45
CA HIS A 218 7.07 -14.71 5.79
C HIS A 218 8.04 -15.54 6.63
N PRO A 219 7.54 -16.26 7.68
CA PRO A 219 8.43 -17.06 8.53
C PRO A 219 9.07 -18.28 7.86
N GLU A 220 8.44 -18.79 6.79
CA GLU A 220 8.89 -20.01 6.11
C GLU A 220 9.46 -19.77 4.71
N VAL A 221 8.82 -18.87 3.95
CA VAL A 221 9.17 -18.55 2.57
C VAL A 221 10.01 -17.28 2.47
N PRO A 222 11.15 -17.32 1.71
CA PRO A 222 11.97 -16.14 1.56
C PRO A 222 11.31 -15.06 0.70
N CYS A 223 11.02 -13.91 1.33
CA CYS A 223 10.43 -12.69 0.76
C CYS A 223 9.40 -12.91 -0.36
N PRO A 224 8.21 -13.47 -0.02
CA PRO A 224 7.21 -13.72 -1.05
C PRO A 224 6.31 -12.52 -1.38
N TYR A 225 6.35 -11.46 -0.55
CA TYR A 225 5.49 -10.28 -0.68
C TYR A 225 6.21 -9.04 -1.18
N ASP A 226 7.05 -8.45 -0.31
CA ASP A 226 7.82 -7.25 -0.60
C ASP A 226 9.30 -7.58 -0.47
N TYR A 227 10.17 -6.82 -1.15
CA TYR A 227 11.61 -7.10 -1.12
C TYR A 227 12.47 -6.04 -1.76
N ILE A 228 13.77 -6.11 -1.43
CA ILE A 228 14.84 -5.32 -2.03
C ILE A 228 15.74 -6.30 -2.77
N LYS A 229 16.09 -5.96 -4.01
CA LYS A 229 17.06 -6.68 -4.82
C LYS A 229 18.11 -5.62 -5.15
N ILE A 230 19.39 -6.00 -5.08
CA ILE A 230 20.48 -5.08 -5.39
C ILE A 230 21.33 -5.67 -6.51
N LYS A 231 21.28 -5.03 -7.69
CA LYS A 231 22.08 -5.49 -8.83
C LYS A 231 23.38 -4.70 -8.92
N VAL A 232 24.49 -5.43 -8.86
CA VAL A 232 25.85 -4.91 -8.96
C VAL A 232 26.56 -5.80 -9.98
N GLY A 233 26.95 -5.20 -11.11
CA GLY A 233 27.56 -5.92 -12.23
C GLY A 233 26.49 -6.87 -12.81
N PRO A 234 26.87 -8.12 -13.19
CA PRO A 234 25.88 -9.07 -13.69
C PRO A 234 25.35 -9.96 -12.57
N LYS A 235 25.28 -9.43 -11.34
CA LYS A 235 24.88 -10.19 -10.15
C LYS A 235 23.81 -9.47 -9.33
N VAL A 236 22.82 -10.23 -8.83
CA VAL A 236 21.75 -9.70 -8.00
C VAL A 236 21.90 -10.22 -6.57
N LEU A 237 21.88 -9.28 -5.60
CA LEU A 237 21.94 -9.61 -4.18
C LEU A 237 20.54 -9.55 -3.62
N GLY A 238 20.23 -10.46 -2.70
CA GLY A 238 18.92 -10.55 -2.07
C GLY A 238 18.14 -11.76 -2.59
N PRO A 239 16.78 -11.71 -2.51
CA PRO A 239 15.94 -10.61 -2.02
C PRO A 239 16.06 -10.39 -0.50
N PHE A 240 15.85 -9.14 -0.07
CA PHE A 240 15.93 -8.77 1.35
C PHE A 240 14.58 -8.27 1.86
N CYS A 241 14.19 -8.74 3.05
CA CYS A 241 12.94 -8.39 3.72
C CYS A 241 13.06 -8.65 5.23
N GLY A 242 11.98 -8.38 5.99
CA GLY A 242 11.97 -8.64 7.43
C GLY A 242 12.20 -7.41 8.31
N GLU A 243 12.50 -7.67 9.58
CA GLU A 243 12.74 -6.66 10.61
C GLU A 243 14.23 -6.42 10.86
N LYS A 244 15.10 -7.24 10.24
CA LYS A 244 16.54 -7.13 10.38
C LYS A 244 17.19 -6.80 9.03
N ALA A 245 17.86 -5.66 8.96
CA ALA A 245 18.55 -5.18 7.76
C ALA A 245 19.75 -6.04 7.43
N PRO A 246 20.08 -6.22 6.13
CA PRO A 246 21.27 -7.00 5.76
C PRO A 246 22.53 -6.27 6.23
N GLU A 247 23.62 -7.02 6.41
CA GLU A 247 24.90 -6.47 6.83
C GLU A 247 25.47 -5.53 5.76
N PRO A 248 26.34 -4.54 6.14
CA PRO A 248 26.91 -3.60 5.16
C PRO A 248 27.48 -4.29 3.93
N ILE A 249 27.21 -3.72 2.74
CA ILE A 249 27.64 -4.28 1.47
C ILE A 249 28.75 -3.46 0.82
N SER A 250 29.93 -4.07 0.63
CA SER A 250 31.06 -3.44 -0.02
C SER A 250 31.13 -3.94 -1.47
N THR A 251 30.67 -3.11 -2.43
CA THR A 251 30.72 -3.49 -3.84
C THR A 251 32.08 -3.09 -4.40
N GLN A 252 32.40 -3.61 -5.59
CA GLN A 252 33.61 -3.27 -6.31
C GLN A 252 33.16 -2.54 -7.58
N SER A 253 31.99 -1.88 -7.48
CA SER A 253 31.33 -1.22 -8.60
C SER A 253 31.01 0.26 -8.38
N HIS A 254 31.06 1.04 -9.47
CA HIS A 254 30.73 2.47 -9.49
C HIS A 254 29.24 2.66 -9.74
N SER A 255 28.55 1.58 -10.12
CA SER A 255 27.12 1.63 -10.40
C SER A 255 26.37 0.53 -9.68
N VAL A 256 25.26 0.91 -9.03
CA VAL A 256 24.42 -0.01 -8.25
C VAL A 256 22.96 0.26 -8.56
N LEU A 257 22.17 -0.81 -8.68
CA LEU A 257 20.73 -0.69 -8.85
C LEU A 257 20.05 -1.31 -7.65
N ILE A 258 19.15 -0.55 -7.03
CA ILE A 258 18.35 -1.03 -5.91
C ILE A 258 16.92 -1.11 -6.42
N LEU A 259 16.34 -2.30 -6.36
CA LEU A 259 14.95 -2.52 -6.76
C LEU A 259 14.15 -2.78 -5.49
N PHE A 260 13.07 -2.01 -5.30
CA PHE A 260 12.18 -2.19 -4.16
C PHE A 260 10.79 -2.50 -4.68
N HIS A 261 10.31 -3.71 -4.38
CA HIS A 261 8.98 -4.15 -4.79
C HIS A 261 8.05 -4.22 -3.60
N SER A 262 6.82 -3.70 -3.76
CA SER A 262 5.78 -3.76 -2.73
C SER A 262 4.50 -4.30 -3.33
N ASP A 263 3.84 -5.26 -2.65
CA ASP A 263 2.60 -5.86 -3.14
C ASP A 263 1.37 -5.01 -2.76
N ASN A 264 0.16 -5.55 -2.94
CA ASN A 264 -1.10 -4.84 -2.68
C ASN A 264 -1.56 -4.84 -1.21
N SER A 265 -0.70 -5.25 -0.25
CA SER A 265 -1.12 -5.35 1.15
C SER A 265 -0.02 -5.02 2.16
N GLY A 266 -0.43 -4.50 3.35
CA GLY A 266 0.48 -4.20 4.45
C GLY A 266 0.68 -2.72 4.75
N GLU A 267 1.20 -2.42 5.96
CA GLU A 267 1.45 -1.06 6.43
C GLU A 267 2.88 -0.89 6.97
N ASN A 268 3.81 -1.73 6.51
CA ASN A 268 5.22 -1.73 6.92
C ASN A 268 5.92 -0.40 6.65
N ARG A 269 6.79 0.02 7.59
CA ARG A 269 7.47 1.31 7.58
C ARG A 269 8.59 1.52 6.56
N GLY A 270 9.19 0.43 6.06
CA GLY A 270 10.21 0.55 5.04
C GLY A 270 11.65 0.45 5.50
N TRP A 271 12.53 1.19 4.81
CA TRP A 271 13.97 1.13 5.02
C TRP A 271 14.68 2.42 4.64
N ARG A 272 15.93 2.54 5.09
CA ARG A 272 16.82 3.66 4.81
C ARG A 272 18.25 3.13 4.70
N LEU A 273 19.00 3.64 3.74
CA LEU A 273 20.41 3.31 3.59
C LEU A 273 21.21 4.54 3.24
N SER A 274 22.51 4.49 3.53
CA SER A 274 23.45 5.53 3.15
C SER A 274 24.53 4.84 2.33
N TYR A 275 25.01 5.52 1.29
CA TYR A 275 26.06 4.96 0.45
C TYR A 275 27.26 5.89 0.45
N ARG A 276 28.44 5.32 0.17
CA ARG A 276 29.71 6.04 0.09
C ARG A 276 30.55 5.43 -1.02
N ALA A 277 31.07 6.28 -1.92
CA ALA A 277 31.92 5.85 -3.02
C ALA A 277 33.38 5.90 -2.59
N ALA A 278 33.99 4.72 -2.45
CA ALA A 278 35.38 4.56 -2.04
C ALA A 278 36.29 4.33 -3.24
N GLY A 279 37.53 3.93 -2.94
CA GLY A 279 38.55 3.60 -3.94
C GLY A 279 39.78 2.94 -3.32
N ASN A 280 40.80 2.76 -4.16
CA ASN A 280 42.08 2.19 -3.76
C ASN A 280 42.87 3.28 -3.04
N GLU A 281 43.59 2.89 -1.99
CA GLU A 281 44.40 3.81 -1.21
C GLU A 281 45.79 3.96 -1.84
N CYS A 282 46.21 5.21 -2.07
CA CYS A 282 47.52 5.52 -2.61
C CYS A 282 48.53 5.58 -1.47
N PRO A 283 49.82 5.18 -1.71
CA PRO A 283 50.83 5.18 -0.65
C PRO A 283 51.17 6.57 -0.10
N GLU A 284 51.73 6.59 1.12
CA GLU A 284 52.17 7.79 1.83
C GLU A 284 53.17 8.54 0.95
N LEU A 285 52.96 9.86 0.80
CA LEU A 285 53.87 10.70 0.01
C LEU A 285 54.79 11.45 0.93
N GLN A 286 56.07 11.50 0.57
CA GLN A 286 57.07 12.24 1.32
C GLN A 286 57.42 13.51 0.57
N PRO A 287 57.32 14.70 1.24
CA PRO A 287 57.63 15.97 0.58
C PRO A 287 59.08 16.01 0.11
N PRO A 288 59.35 16.70 -1.03
CA PRO A 288 60.73 16.79 -1.53
C PRO A 288 61.59 17.63 -0.60
N VAL A 289 62.91 17.36 -0.58
CA VAL A 289 63.88 18.12 0.21
C VAL A 289 63.79 19.55 -0.32
N HIS A 290 63.63 20.53 0.59
CA HIS A 290 63.47 21.95 0.28
C HIS A 290 62.10 22.24 -0.37
N GLY A 291 61.10 21.40 -0.09
CA GLY A 291 59.78 21.58 -0.68
C GLY A 291 58.61 21.11 0.18
N LYS A 292 57.42 21.02 -0.44
CA LYS A 292 56.18 20.62 0.22
C LYS A 292 55.16 19.98 -0.74
N ILE A 293 54.16 19.32 -0.16
CA ILE A 293 53.04 18.69 -0.86
C ILE A 293 51.76 19.17 -0.20
N GLU A 294 50.80 19.65 -1.00
CA GLU A 294 49.50 20.10 -0.53
C GLU A 294 48.40 19.47 -1.38
N PRO A 295 47.26 19.05 -0.77
CA PRO A 295 46.92 19.13 0.65
C PRO A 295 47.52 17.95 1.43
N SER A 296 47.93 18.20 2.67
CA SER A 296 48.49 17.16 3.53
C SER A 296 47.36 16.31 4.09
N GLN A 297 47.29 15.05 3.66
CA GLN A 297 46.28 14.10 4.12
C GLN A 297 46.94 12.91 4.76
N ALA A 298 46.21 12.19 5.64
CA ALA A 298 46.71 10.98 6.28
C ALA A 298 46.80 9.91 5.20
N LYS A 299 45.69 9.69 4.46
CA LYS A 299 45.60 8.74 3.36
CA LYS A 299 45.58 8.72 3.37
C LYS A 299 45.05 9.42 2.11
N TYR A 300 45.38 8.89 0.91
CA TYR A 300 44.93 9.43 -0.36
C TYR A 300 44.13 8.39 -1.15
N PHE A 301 43.04 8.83 -1.80
CA PHE A 301 42.17 7.93 -2.56
C PHE A 301 41.97 8.37 -4.00
N PHE A 302 41.38 7.48 -4.84
CA PHE A 302 41.13 7.73 -6.27
C PHE A 302 40.67 9.14 -6.58
N LYS A 303 41.36 9.77 -7.57
CA LYS A 303 41.15 11.13 -8.09
CA LYS A 303 41.17 11.14 -8.08
C LYS A 303 41.65 12.26 -7.17
N ASP A 304 42.29 11.93 -6.02
CA ASP A 304 42.82 12.99 -5.14
C ASP A 304 43.96 13.68 -5.88
N GLN A 305 43.97 15.02 -5.85
CA GLN A 305 44.98 15.82 -6.53
C GLN A 305 45.89 16.48 -5.53
N VAL A 306 47.21 16.51 -5.82
CA VAL A 306 48.21 17.15 -4.97
C VAL A 306 49.19 17.99 -5.81
N LEU A 307 49.57 19.17 -5.30
CA LEU A 307 50.54 20.05 -5.96
C LEU A 307 51.86 19.99 -5.20
N VAL A 308 52.95 19.77 -5.94
CA VAL A 308 54.30 19.73 -5.37
C VAL A 308 54.92 21.12 -5.56
N SER A 309 55.41 21.72 -4.46
CA SER A 309 56.03 23.05 -4.45
C SER A 309 57.38 23.03 -3.76
N CYS A 310 58.20 24.06 -4.04
CA CYS A 310 59.53 24.22 -3.44
C CYS A 310 59.60 25.46 -2.59
N ASP A 311 60.59 25.50 -1.67
CA ASP A 311 60.85 26.65 -0.80
C ASP A 311 61.29 27.84 -1.65
N THR A 312 61.26 29.05 -1.07
CA THR A 312 61.69 30.25 -1.77
C THR A 312 63.19 30.14 -2.04
N GLY A 313 63.58 30.29 -3.32
CA GLY A 313 64.97 30.16 -3.76
C GLY A 313 65.20 28.81 -4.46
N TYR A 314 64.12 28.02 -4.62
CA TYR A 314 64.13 26.71 -5.26
C TYR A 314 62.91 26.54 -6.18
N LYS A 315 63.05 25.66 -7.19
CA LYS A 315 61.98 25.34 -8.15
C LYS A 315 61.91 23.83 -8.38
N VAL A 316 60.74 23.32 -8.79
CA VAL A 316 60.51 21.90 -9.08
C VAL A 316 61.31 21.50 -10.30
N LEU A 317 61.99 20.35 -10.23
CA LEU A 317 62.79 19.84 -11.32
C LEU A 317 62.20 18.57 -11.95
N LYS A 318 61.73 18.69 -13.20
CA LYS A 318 61.22 17.58 -14.01
C LYS A 318 62.20 17.38 -15.14
N ASP A 319 62.75 16.15 -15.27
CA ASP A 319 63.82 15.80 -16.21
C ASP A 319 64.96 16.78 -15.85
N ASN A 320 65.28 17.75 -16.71
CA ASN A 320 66.25 18.78 -16.37
C ASN A 320 65.65 20.17 -16.65
N VAL A 321 64.31 20.28 -16.46
CA VAL A 321 63.48 21.46 -16.69
C VAL A 321 62.88 21.99 -15.36
N GLU A 322 63.03 23.32 -15.11
CA GLU A 322 62.53 23.99 -13.90
CA GLU A 322 62.52 23.98 -13.89
C GLU A 322 61.09 24.49 -14.04
N MET A 323 60.29 24.41 -12.95
CA MET A 323 58.87 24.85 -12.89
C MET A 323 58.42 25.21 -11.46
N ASP A 324 57.31 25.99 -11.34
CA ASP A 324 56.78 26.45 -10.05
C ASP A 324 56.04 25.37 -9.24
N THR A 325 55.12 24.64 -9.91
CA THR A 325 54.35 23.56 -9.29
C THR A 325 54.19 22.40 -10.25
N PHE A 326 54.06 21.19 -9.69
CA PHE A 326 53.79 19.97 -10.45
C PHE A 326 52.61 19.27 -9.81
N GLN A 327 51.65 18.84 -10.63
CA GLN A 327 50.44 18.17 -10.16
C GLN A 327 50.44 16.68 -10.43
N ILE A 328 50.20 15.89 -9.37
CA ILE A 328 50.06 14.44 -9.43
C ILE A 328 48.71 14.03 -8.86
N GLU A 329 48.16 12.90 -9.35
CA GLU A 329 46.87 12.40 -8.90
C GLU A 329 46.90 10.93 -8.52
N CYS A 330 46.02 10.55 -7.58
CA CYS A 330 45.87 9.17 -7.14
C CYS A 330 44.97 8.45 -8.14
N LEU A 331 45.54 7.50 -8.90
CA LEU A 331 44.84 6.74 -9.93
C LEU A 331 43.99 5.60 -9.38
N LYS A 332 43.11 5.05 -10.23
CA LYS A 332 42.19 3.97 -9.91
C LYS A 332 42.88 2.73 -9.34
N ASP A 333 44.02 2.34 -9.93
CA ASP A 333 44.78 1.16 -9.53
C ASP A 333 45.53 1.31 -8.19
N GLY A 334 45.44 2.49 -7.55
CA GLY A 334 46.08 2.76 -6.26
C GLY A 334 47.49 3.30 -6.40
N THR A 335 47.87 3.74 -7.61
CA THR A 335 49.19 4.28 -7.88
C THR A 335 49.07 5.77 -8.19
N TRP A 336 50.17 6.51 -8.03
CA TRP A 336 50.22 7.93 -8.35
C TRP A 336 50.51 8.10 -9.84
N SER A 337 50.04 9.22 -10.44
CA SER A 337 50.24 9.52 -11.86
C SER A 337 51.72 9.69 -12.19
N ASN A 338 52.50 10.17 -11.20
CA ASN A 338 53.95 10.38 -11.30
C ASN A 338 54.62 10.27 -9.95
N LYS A 339 55.96 10.20 -9.95
CA LYS A 339 56.76 10.17 -8.73
C LYS A 339 56.92 11.62 -8.25
N ILE A 340 57.37 11.80 -7.00
CA ILE A 340 57.59 13.13 -6.42
C ILE A 340 58.91 13.66 -6.98
N PRO A 341 58.88 14.81 -7.68
CA PRO A 341 60.13 15.36 -8.21
C PRO A 341 60.92 16.07 -7.11
N THR A 342 62.17 16.45 -7.41
CA THR A 342 63.06 17.12 -6.46
C THR A 342 63.05 18.64 -6.64
N CYS A 343 63.59 19.35 -5.64
CA CYS A 343 63.71 20.80 -5.69
C CYS A 343 65.14 21.18 -6.06
N LYS A 344 65.27 22.15 -6.96
CA LYS A 344 66.54 22.63 -7.47
C LYS A 344 66.65 24.11 -7.14
N LYS A 345 67.76 24.48 -6.51
CA LYS A 345 68.08 25.84 -6.11
C LYS A 345 68.16 26.76 -7.34
N ASN A 346 68.08 28.07 -7.12
CA ASN A 346 68.21 29.04 -8.19
C ASN A 346 69.68 29.35 -8.52
N GLU A 347 70.62 28.88 -7.66
CA GLU A 347 72.08 29.04 -7.76
C GLU A 347 72.59 30.42 -8.16
C1 NAG B . -38.14 -17.20 -4.12
C2 NAG B . -37.53 -18.21 -5.07
C3 NAG B . -38.13 -19.44 -4.38
C4 NAG B . -37.64 -19.57 -2.93
C5 NAG B . -37.86 -18.28 -2.13
C6 NAG B . -37.13 -18.23 -0.80
C7 NAG B . -37.40 -18.30 -7.53
C8 NAG B . -38.09 -17.93 -8.80
N2 NAG B . -38.09 -18.05 -6.39
O3 NAG B . -37.80 -20.61 -5.12
O4 NAG B . -38.39 -20.60 -2.30
O5 NAG B . -37.46 -17.15 -2.89
O6 NAG B . -35.73 -18.34 -0.95
O7 NAG B . -36.28 -18.79 -7.51
C1 NAG B . -37.74 -21.77 -1.81
C2 NAG B . -38.81 -22.65 -1.17
C3 NAG B . -38.18 -23.95 -0.64
C4 NAG B . -36.65 -23.90 -0.70
C5 NAG B . -36.12 -22.56 -0.16
C6 NAG B . -34.63 -22.38 -0.30
C7 NAG B . -40.77 -22.16 0.25
C8 NAG B . -41.28 -21.34 1.40
N2 NAG B . -39.48 -21.94 -0.09
O3 NAG B . -38.65 -25.04 -1.42
O4 NAG B . -36.15 -24.96 0.11
O5 NAG B . -36.75 -21.45 -0.83
O6 NAG B . -34.23 -22.27 -1.67
O7 NAG B . -41.47 -22.97 -0.33
C1 BMA B . -35.20 -25.87 -0.44
C2 BMA B . -34.18 -26.18 0.67
C3 BMA B . -33.18 -27.24 0.20
C4 BMA B . -33.88 -28.46 -0.37
C5 BMA B . -34.89 -28.03 -1.44
C6 BMA B . -35.70 -29.17 -2.00
O2 BMA B . -34.84 -26.61 1.85
O3 BMA B . -32.32 -27.59 1.28
O4 BMA B . -32.92 -29.35 -0.94
O5 BMA B . -35.81 -27.08 -0.89
O6 BMA B . -35.84 -29.10 -3.42
C1 MAN B . -30.90 -27.55 1.11
C2 MAN B . -30.23 -28.18 2.33
C3 MAN B . -30.26 -27.25 3.53
C4 MAN B . -29.72 -25.87 3.18
C5 MAN B . -30.47 -25.29 1.98
C6 MAN B . -29.91 -23.98 1.47
O2 MAN B . -28.89 -28.55 2.01
O3 MAN B . -29.50 -27.80 4.61
O4 MAN B . -29.88 -24.99 4.29
O5 MAN B . -30.39 -26.22 0.88
O6 MAN B . -30.18 -22.92 2.38
C1 MAN B . -34.66 -29.37 -4.16
C2 MAN B . -34.87 -28.89 -5.60
C3 MAN B . -35.73 -29.87 -6.41
C4 MAN B . -35.23 -31.31 -6.27
C5 MAN B . -35.09 -31.68 -4.80
C6 MAN B . -34.48 -33.05 -4.58
O2 MAN B . -33.61 -28.71 -6.23
O3 MAN B . -35.78 -29.48 -7.77
O4 MAN B . -36.13 -32.19 -6.91
O5 MAN B . -34.24 -30.74 -4.13
O6 MAN B . -34.40 -33.37 -3.20
C1 NAG C . -12.15 -1.77 -10.89
C2 NAG C . -13.55 -1.30 -11.29
C3 NAG C . -13.52 -1.13 -12.81
C4 NAG C . -12.96 -2.36 -13.53
C5 NAG C . -12.58 -3.52 -12.59
C6 NAG C . -11.63 -4.52 -13.22
C7 NAG C . -15.49 -1.76 -9.83
C8 NAG C . -16.68 -2.63 -9.61
N2 NAG C . -14.71 -2.08 -10.87
O3 NAG C . -12.76 0.03 -13.13
O4 NAG C . -13.96 -2.76 -14.46
O5 NAG C . -11.93 -3.08 -11.38
O6 NAG C . -10.37 -3.94 -13.51
O7 NAG C . -15.23 -0.82 -9.07
C1 NAG C . -13.65 -3.43 -15.70
C2 NAG C . -13.48 -2.42 -16.85
C3 NAG C . -14.62 -2.52 -17.86
C4 NAG C . -14.74 -3.94 -18.40
C5 NAG C . -14.72 -4.99 -17.29
C6 NAG C . -13.58 -5.99 -17.40
C7 NAG C . -13.97 -0.08 -16.14
C8 NAG C . -13.44 1.33 -16.16
N2 NAG C . -13.12 -1.03 -16.59
O3 NAG C . -14.41 -1.62 -18.93
O4 NAG C . -15.98 -4.05 -19.09
O5 NAG C . -14.68 -4.39 -15.98
O6 NAG C . -13.71 -7.02 -16.44
O7 NAG C . -15.10 -0.34 -15.72
C1 BMA C . -15.99 -4.28 -20.49
C2 BMA C . -17.40 -4.75 -20.87
C3 BMA C . -17.53 -4.92 -22.38
C4 BMA C . -17.07 -3.66 -23.12
C5 BMA C . -15.68 -3.23 -22.65
C6 BMA C . -15.23 -1.91 -23.23
O2 BMA C . -18.38 -3.83 -20.38
O3 BMA C . -18.86 -5.23 -22.73
O4 BMA C . -17.03 -3.92 -24.51
O5 BMA C . -15.67 -3.07 -21.21
O6 BMA C . -15.99 -0.81 -22.74
C1 MAN C . -19.18 -6.55 -23.18
C2 MAN C . -20.66 -6.80 -22.86
C3 MAN C . -20.87 -8.22 -22.32
C4 MAN C . -20.04 -9.24 -23.11
C5 MAN C . -18.55 -8.92 -22.98
C6 MAN C . -17.77 -9.13 -24.27
O2 MAN C . -21.45 -6.58 -24.02
O3 MAN C . -22.25 -8.57 -22.37
O4 MAN C . -20.28 -10.54 -22.61
O5 MAN C . -18.35 -7.55 -22.56
O6 MAN C . -16.39 -8.89 -24.08
CA CA D . -23.26 2.75 -2.31
CA CA E . -56.46 -18.81 11.22
CA CA F . 3.28 -6.31 1.05
CA CA G . 5.22 12.04 -2.96
CA CA H . -38.09 -9.04 15.58
CA CA I . 4.97 -7.27 10.81
#